data_5OTG
#
_entry.id   5OTG
#
_cell.length_a   109.381
_cell.length_b   59.167
_cell.length_c   74.223
_cell.angle_alpha   90.00
_cell.angle_beta   90.00
_cell.angle_gamma   90.00
#
_symmetry.space_group_name_H-M   'P 21 21 21'
#
loop_
_entity.id
_entity.type
_entity.pdbx_description
1 polymer 'cAMP-dependent protein kinase catalytic subunit alpha'
2 polymer 'cAMP-dependent protein kinase inhibitor'
3 non-polymer '[2-[[2-(isoquinolin-5-ylsulfonylamino)ethylamino]methyl]phenyl]boronic acid'
4 water water
#
loop_
_entity_poly.entity_id
_entity_poly.type
_entity_poly.pdbx_seq_one_letter_code
_entity_poly.pdbx_strand_id
1 'polypeptide(L)'
;GHMGNAAAAKKG(SEP)EQESVKEFLAKAKEEFLKKWESPSQNTAQLDHFDRIKTLGTGSFGRVMLVKHKETGNHYAMKI
LDKQKVVKLKQIEHTLNEKRILQAVNFPFLVKLEFSFKDNSNLYMVMEYVPGGEMFSHLRRIGRF(SEP)EPHARFYAAQ
IVLTFEYLHSLDLIYRDLKPENLLIDQQGYIQVTDFGFAKRVKGRTW(TPO)LCGTPEYLAPEIILSKGYNKAVDWWALG
VLIYEMAAGYPPFFADQPIQIYEKIVSGKVRFPSHFSSDLKDLLRNLLQVDLTKRFGNLKNGVNDIKNHKWFATTDWIAI
YQRKVEAPFIPKFKGPGDTSNFDDYEEEEIRV(SEP)INEKCGKEFTEF
;
A
2 'polypeptide(L)' TTYADFIASGRTGRRNAI D
#
loop_
_chem_comp.id
_chem_comp.type
_chem_comp.name
_chem_comp.formula
AO8 non-polymer '[2-[[2-(isoquinolin-5-ylsulfonylamino)ethylamino]methyl]phenyl]boronic acid' 'C18 H20 B N3 O4 S'
#
# COMPACT_ATOMS: atom_id res chain seq x y z
N GLY A 1 -18.08 31.55 -11.38
CA GLY A 1 -17.21 30.67 -10.62
C GLY A 1 -16.46 29.72 -11.53
N HIS A 2 -15.80 28.71 -10.96
CA HIS A 2 -15.03 27.84 -11.82
C HIS A 2 -15.91 26.85 -12.58
N MET A 3 -17.07 26.49 -12.01
CA MET A 3 -17.99 25.55 -12.66
C MET A 3 -19.28 26.25 -13.05
N GLY A 4 -19.74 25.95 -14.27
CA GLY A 4 -21.09 26.27 -14.69
C GLY A 4 -22.09 25.36 -14.01
N ASN A 5 -23.37 25.59 -14.33
CA ASN A 5 -24.46 24.90 -13.65
C ASN A 5 -24.40 23.39 -13.88
N ALA A 6 -24.21 22.96 -15.12
CA ALA A 6 -24.25 21.53 -15.43
C ALA A 6 -23.12 20.78 -14.75
N ALA A 7 -21.90 21.35 -14.79
CA ALA A 7 -20.77 20.67 -14.17
C ALA A 7 -20.90 20.66 -12.66
N ALA A 8 -21.39 21.75 -12.06
CA ALA A 8 -21.52 21.79 -10.61
C ALA A 8 -22.54 20.76 -10.12
N ALA A 9 -23.66 20.63 -10.83
CA ALA A 9 -24.66 19.65 -10.44
C ALA A 9 -24.13 18.23 -10.57
N LYS A 10 -23.42 17.95 -11.66
CA LYS A 10 -22.84 16.63 -11.88
C LYS A 10 -21.83 16.28 -10.78
N LYS A 11 -20.99 17.25 -10.42
CA LYS A 11 -20.00 17.00 -9.38
C LYS A 11 -20.65 16.79 -8.01
N GLY A 12 -21.67 17.59 -7.70
CA GLY A 12 -22.38 17.43 -6.43
C GLY A 12 -23.02 16.06 -6.29
N SEP A 13 -23.70 15.61 -7.34
CA SEP A 13 -24.36 14.30 -7.33
CB SEP A 13 -25.23 14.10 -8.58
OG SEP A 13 -25.58 12.74 -8.73
C SEP A 13 -23.35 13.17 -7.19
O SEP A 13 -23.59 12.18 -6.48
P SEP A 13 -27.07 12.55 -9.38
O1P SEP A 13 -28.12 13.28 -8.41
O2P SEP A 13 -27.06 13.22 -10.83
O3P SEP A 13 -27.32 10.98 -9.45
N GLU A 14 -22.21 13.31 -7.87
CA GLU A 14 -21.13 12.32 -7.79
C GLU A 14 -20.61 12.16 -6.35
N GLN A 15 -20.40 13.30 -5.68
CA GLN A 15 -19.92 13.23 -4.29
C GLN A 15 -20.96 12.63 -3.36
N GLU A 16 -22.25 12.89 -3.59
CA GLU A 16 -23.27 12.26 -2.76
C GLU A 16 -23.32 10.75 -2.98
N SER A 17 -23.12 10.30 -4.22
CA SER A 17 -23.12 8.87 -4.50
C SER A 17 -21.93 8.17 -3.84
N VAL A 18 -20.78 8.85 -3.75
CA VAL A 18 -19.64 8.27 -3.04
C VAL A 18 -19.99 8.04 -1.56
N LYS A 19 -20.66 9.03 -0.94
CA LYS A 19 -21.10 8.85 0.44
C LYS A 19 -21.99 7.62 0.59
N GLU A 20 -22.92 7.44 -0.34
CA GLU A 20 -23.84 6.31 -0.27
C GLU A 20 -23.10 4.97 -0.39
N PHE A 21 -22.15 4.89 -1.32
CA PHE A 21 -21.31 3.69 -1.48
C PHE A 21 -20.55 3.37 -0.20
N LEU A 22 -19.88 4.38 0.37
CA LEU A 22 -19.03 4.14 1.54
C LEU A 22 -19.87 3.70 2.75
N ALA A 23 -21.09 4.24 2.88
CA ALA A 23 -21.95 3.82 3.99
C ALA A 23 -22.27 2.34 3.89
N LYS A 24 -22.53 1.83 2.68
CA LYS A 24 -22.82 0.41 2.53
C LYS A 24 -21.56 -0.43 2.76
N ALA A 25 -20.41 0.07 2.28
CA ALA A 25 -19.15 -0.67 2.44
C ALA A 25 -18.77 -0.79 3.90
N LYS A 26 -19.07 0.25 4.70
CA LYS A 26 -18.78 0.18 6.13
C LYS A 26 -19.65 -0.85 6.83
N GLU A 27 -20.94 -0.93 6.46
CA GLU A 27 -21.81 -1.95 7.06
C GLU A 27 -21.30 -3.36 6.76
N GLU A 28 -20.85 -3.60 5.52
CA GLU A 28 -20.38 -4.94 5.16
C GLU A 28 -19.07 -5.26 5.87
N PHE A 29 -18.17 -4.29 5.97
CA PHE A 29 -16.90 -4.51 6.66
C PHE A 29 -17.11 -4.85 8.13
N LEU A 30 -18.01 -4.15 8.81
CA LEU A 30 -18.17 -4.39 10.25
C LEU A 30 -18.75 -5.77 10.53
N LYS A 31 -19.61 -6.29 9.64
CA LYS A 31 -20.13 -7.63 9.83
C LYS A 31 -19.01 -8.68 9.77
N LYS A 32 -18.09 -8.53 8.82
CA LYS A 32 -17.00 -9.48 8.69
C LYS A 32 -15.93 -9.28 9.76
N TRP A 33 -15.75 -8.04 10.23
CA TRP A 33 -14.78 -7.79 11.30
C TRP A 33 -15.21 -8.45 12.59
N GLU A 34 -16.51 -8.48 12.87
CA GLU A 34 -17.00 -9.04 14.12
C GLU A 34 -17.05 -10.56 14.10
N SER A 35 -16.98 -11.19 12.93
CA SER A 35 -17.07 -12.66 12.82
C SER A 35 -16.07 -13.16 11.80
N PRO A 36 -14.79 -13.24 12.17
CA PRO A 36 -13.75 -13.62 11.20
C PRO A 36 -13.75 -15.12 10.93
N SER A 37 -13.20 -15.48 9.77
CA SER A 37 -13.07 -16.87 9.37
C SER A 37 -11.76 -17.46 9.88
N GLN A 38 -11.74 -18.78 10.02
CA GLN A 38 -10.57 -19.51 10.48
C GLN A 38 -10.47 -20.84 9.74
N ASN A 39 -9.22 -21.35 9.66
CA ASN A 39 -8.89 -22.68 9.17
C ASN A 39 -9.66 -23.11 7.92
N THR A 40 -9.32 -22.54 6.76
CA THR A 40 -10.05 -22.81 5.54
C THR A 40 -9.26 -23.64 4.52
N ALA A 41 -8.10 -24.18 4.89
CA ALA A 41 -7.33 -25.09 4.02
C ALA A 41 -6.24 -25.75 4.87
N GLN A 42 -5.38 -26.54 4.22
CA GLN A 42 -4.24 -27.15 4.91
C GLN A 42 -3.05 -27.25 3.96
N LEU A 43 -1.86 -27.42 4.56
CA LEU A 43 -0.61 -27.24 3.81
C LEU A 43 -0.50 -28.22 2.64
N ASP A 44 -0.90 -29.48 2.83
CA ASP A 44 -0.70 -30.45 1.76
C ASP A 44 -1.73 -30.31 0.64
N HIS A 45 -2.53 -29.25 0.65
CA HIS A 45 -3.39 -28.93 -0.49
C HIS A 45 -2.64 -28.18 -1.59
N PHE A 46 -1.37 -27.83 -1.38
CA PHE A 46 -0.62 -26.99 -2.32
C PHE A 46 0.74 -27.60 -2.62
N ASP A 47 1.22 -27.38 -3.84
CA ASP A 47 2.61 -27.62 -4.22
C ASP A 47 3.39 -26.31 -4.11
N ARG A 48 4.58 -26.36 -3.50
CA ARG A 48 5.42 -25.19 -3.38
C ARG A 48 6.32 -25.06 -4.61
N ILE A 49 6.45 -23.84 -5.12
CA ILE A 49 7.10 -23.64 -6.40
C ILE A 49 8.36 -22.78 -6.32
N LYS A 50 8.26 -21.59 -5.71
CA LYS A 50 9.37 -20.65 -5.67
C LYS A 50 9.13 -19.60 -4.58
N THR A 51 10.22 -19.04 -4.04
CA THR A 51 10.13 -17.96 -3.06
C THR A 51 10.06 -16.62 -3.78
N LEU A 52 9.02 -15.83 -3.44
CA LEU A 52 8.79 -14.53 -4.07
C LEU A 52 9.35 -13.36 -3.27
N GLY A 53 9.67 -13.57 -2.01
CA GLY A 53 10.13 -12.50 -1.14
C GLY A 53 10.19 -12.95 0.30
N THR A 54 10.99 -12.27 1.13
CA THR A 54 11.16 -12.72 2.51
C THR A 54 11.32 -11.52 3.44
N GLY A 55 10.89 -11.72 4.68
CA GLY A 55 11.12 -10.79 5.77
C GLY A 55 11.91 -11.44 6.88
N SER A 56 11.92 -10.83 8.07
CA SER A 56 12.72 -11.35 9.17
C SER A 56 12.01 -12.41 10.01
N PHE A 57 10.72 -12.67 9.75
CA PHE A 57 10.01 -13.72 10.47
C PHE A 57 9.16 -14.58 9.55
N GLY A 58 9.39 -14.53 8.25
CA GLY A 58 8.66 -15.39 7.34
C GLY A 58 9.04 -15.12 5.89
N ARG A 59 8.30 -15.76 4.98
CA ARG A 59 8.54 -15.60 3.56
C ARG A 59 7.22 -15.73 2.81
N VAL A 60 7.25 -15.38 1.52
CA VAL A 60 6.09 -15.51 0.63
C VAL A 60 6.50 -16.41 -0.53
N MET A 61 5.72 -17.47 -0.76
CA MET A 61 6.02 -18.43 -1.82
C MET A 61 4.91 -18.51 -2.86
N LEU A 62 5.30 -18.67 -4.12
CA LEU A 62 4.34 -19.06 -5.15
C LEU A 62 3.98 -20.52 -4.95
N VAL A 63 2.69 -20.82 -4.87
CA VAL A 63 2.23 -22.19 -4.73
C VAL A 63 1.14 -22.47 -5.76
N LYS A 64 0.87 -23.75 -5.98
CA LYS A 64 -0.19 -24.19 -6.88
C LYS A 64 -1.14 -25.09 -6.12
N HIS A 65 -2.43 -24.75 -6.16
CA HIS A 65 -3.45 -25.56 -5.48
C HIS A 65 -3.65 -26.88 -6.23
N LYS A 66 -3.60 -27.99 -5.49
CA LYS A 66 -3.59 -29.30 -6.15
C LYS A 66 -4.92 -29.59 -6.84
N GLU A 67 -6.04 -29.31 -6.16
CA GLU A 67 -7.33 -29.70 -6.73
C GLU A 67 -7.71 -28.84 -7.94
N THR A 68 -7.44 -27.53 -7.87
CA THR A 68 -7.91 -26.61 -8.89
C THR A 68 -6.84 -26.17 -9.89
N GLY A 69 -5.56 -26.37 -9.57
CA GLY A 69 -4.48 -25.89 -10.44
C GLY A 69 -4.21 -24.41 -10.35
N ASN A 70 -4.97 -23.67 -9.54
CA ASN A 70 -4.77 -22.23 -9.42
C ASN A 70 -3.49 -21.92 -8.65
N HIS A 71 -2.81 -20.86 -9.06
CA HIS A 71 -1.64 -20.34 -8.38
C HIS A 71 -2.04 -19.30 -7.34
N TYR A 72 -1.29 -19.27 -6.23
CA TYR A 72 -1.51 -18.33 -5.15
C TYR A 72 -0.16 -17.89 -4.57
N ALA A 73 -0.18 -16.81 -3.78
CA ALA A 73 0.98 -16.37 -3.01
C ALA A 73 0.74 -16.72 -1.55
N MET A 74 1.55 -17.63 -0.99
CA MET A 74 1.37 -18.11 0.36
C MET A 74 2.41 -17.47 1.29
N LYS A 75 1.94 -16.64 2.22
CA LYS A 75 2.82 -16.05 3.23
C LYS A 75 2.94 -17.00 4.42
N ILE A 76 4.16 -17.41 4.73
CA ILE A 76 4.46 -18.35 5.81
C ILE A 76 5.17 -17.58 6.92
N LEU A 77 4.59 -17.55 8.11
CA LEU A 77 5.16 -16.86 9.26
C LEU A 77 5.55 -17.88 10.34
N ASP A 78 6.80 -17.77 10.82
CA ASP A 78 7.29 -18.64 11.88
C ASP A 78 6.82 -18.10 13.23
N LYS A 79 5.98 -18.89 13.93
CA LYS A 79 5.37 -18.41 15.16
C LYS A 79 6.40 -18.01 16.20
N GLN A 80 7.47 -18.80 16.35
CA GLN A 80 8.47 -18.48 17.36
C GLN A 80 9.21 -17.18 17.04
N LYS A 81 9.48 -16.93 15.76
CA LYS A 81 10.12 -15.68 15.38
C LYS A 81 9.16 -14.49 15.52
N VAL A 82 7.87 -14.69 15.23
CA VAL A 82 6.90 -13.62 15.40
C VAL A 82 6.88 -13.12 16.85
N VAL A 83 6.96 -14.06 17.80
CA VAL A 83 6.95 -13.68 19.22
C VAL A 83 8.23 -12.95 19.58
N LYS A 84 9.39 -13.49 19.18
CA LYS A 84 10.66 -12.91 19.57
C LYS A 84 10.82 -11.50 19.03
N LEU A 85 10.22 -11.19 17.88
CA LEU A 85 10.31 -9.87 17.31
C LEU A 85 9.12 -8.99 17.69
N LYS A 86 8.29 -9.44 18.63
CA LYS A 86 7.20 -8.64 19.20
C LYS A 86 6.21 -8.21 18.12
N GLN A 87 5.82 -9.16 17.27
CA GLN A 87 4.90 -8.86 16.17
C GLN A 87 3.59 -9.64 16.28
N ILE A 88 3.19 -10.05 17.49
CA ILE A 88 1.96 -10.83 17.64
C ILE A 88 0.74 -10.00 17.24
N GLU A 89 0.58 -8.83 17.85
CA GLU A 89 -0.59 -8.00 17.57
C GLU A 89 -0.62 -7.58 16.10
N HIS A 90 0.53 -7.23 15.52
CA HIS A 90 0.55 -6.82 14.10
C HIS A 90 0.09 -7.95 13.19
N THR A 91 0.54 -9.18 13.47
CA THR A 91 0.23 -10.32 12.60
C THR A 91 -1.25 -10.69 12.67
N LEU A 92 -1.79 -10.78 13.89
CA LEU A 92 -3.23 -11.04 14.04
C LEU A 92 -4.06 -9.94 13.40
N ASN A 93 -3.62 -8.69 13.57
CA ASN A 93 -4.35 -7.55 13.02
C ASN A 93 -4.35 -7.59 11.49
N GLU A 94 -3.21 -7.92 10.88
CA GLU A 94 -3.16 -7.95 9.42
C GLU A 94 -4.15 -8.97 8.86
N LYS A 95 -4.22 -10.15 9.46
CA LYS A 95 -5.15 -11.17 8.97
C LYS A 95 -6.60 -10.74 9.20
N ARG A 96 -6.89 -10.12 10.34
CA ARG A 96 -8.27 -9.69 10.59
C ARG A 96 -8.70 -8.61 9.59
N ILE A 97 -7.79 -7.69 9.25
CA ILE A 97 -8.10 -6.68 8.24
C ILE A 97 -8.34 -7.34 6.89
N LEU A 98 -7.41 -8.21 6.48
CA LEU A 98 -7.48 -8.79 5.13
C LEU A 98 -8.77 -9.58 4.92
N GLN A 99 -9.23 -10.32 5.93
CA GLN A 99 -10.46 -11.08 5.75
C GLN A 99 -11.72 -10.21 5.79
N ALA A 100 -11.62 -8.94 6.19
CA ALA A 100 -12.80 -8.11 6.32
C ALA A 100 -12.98 -7.09 5.20
N VAL A 101 -11.90 -6.68 4.52
CA VAL A 101 -12.02 -5.60 3.53
C VAL A 101 -12.42 -6.18 2.18
N ASN A 102 -12.87 -5.30 1.28
CA ASN A 102 -13.23 -5.70 -0.09
C ASN A 102 -13.16 -4.46 -0.97
N PHE A 103 -12.21 -4.44 -1.91
CA PHE A 103 -11.99 -3.30 -2.79
C PHE A 103 -11.12 -3.76 -3.95
N PRO A 104 -11.31 -3.21 -5.15
CA PRO A 104 -10.62 -3.79 -6.32
C PRO A 104 -9.10 -3.66 -6.30
N PHE A 105 -8.53 -2.80 -5.46
CA PHE A 105 -7.08 -2.59 -5.40
C PHE A 105 -6.47 -3.10 -4.10
N LEU A 106 -7.21 -3.88 -3.31
CA LEU A 106 -6.71 -4.54 -2.11
C LEU A 106 -6.67 -6.05 -2.35
N VAL A 107 -5.53 -6.68 -2.06
CA VAL A 107 -5.36 -8.09 -2.40
C VAL A 107 -6.38 -8.93 -1.62
N LYS A 108 -6.81 -10.02 -2.23
CA LYS A 108 -7.84 -10.86 -1.64
C LYS A 108 -7.22 -12.06 -0.96
N LEU A 109 -7.58 -12.27 0.30
CA LEU A 109 -7.17 -13.43 1.06
C LEU A 109 -8.12 -14.59 0.77
N GLU A 110 -7.59 -15.68 0.23
CA GLU A 110 -8.43 -16.81 -0.17
C GLU A 110 -8.50 -17.91 0.88
N PHE A 111 -7.41 -18.17 1.60
CA PHE A 111 -7.38 -19.17 2.66
C PHE A 111 -6.45 -18.71 3.78
N SER A 112 -6.68 -19.26 4.99
CA SER A 112 -5.69 -19.14 6.06
C SER A 112 -5.79 -20.37 6.96
N PHE A 113 -4.66 -20.73 7.58
CA PHE A 113 -4.61 -21.87 8.49
C PHE A 113 -3.30 -21.81 9.26
N LYS A 114 -3.10 -22.78 10.16
CA LYS A 114 -1.90 -22.81 10.99
C LYS A 114 -1.56 -24.26 11.34
N ASP A 115 -0.33 -24.46 11.77
CA ASP A 115 0.07 -25.78 12.26
C ASP A 115 0.99 -25.58 13.46
N ASN A 116 1.74 -26.63 13.83
CA ASN A 116 2.56 -26.56 15.03
C ASN A 116 3.58 -25.42 14.97
N SER A 117 4.13 -25.15 13.78
CA SER A 117 5.24 -24.20 13.66
C SER A 117 4.84 -22.85 13.07
N ASN A 118 3.93 -22.82 12.11
CA ASN A 118 3.78 -21.63 11.26
C ASN A 118 2.33 -21.18 11.15
N LEU A 119 2.18 -19.92 10.75
CA LEU A 119 0.91 -19.35 10.30
C LEU A 119 0.95 -19.19 8.79
N TYR A 120 -0.20 -19.38 8.14
CA TYR A 120 -0.27 -19.33 6.68
C TYR A 120 -1.39 -18.40 6.23
N MET A 121 -1.06 -17.47 5.33
CA MET A 121 -2.05 -16.63 4.65
C MET A 121 -1.90 -16.83 3.16
N VAL A 122 -2.95 -17.33 2.50
CA VAL A 122 -2.93 -17.62 1.08
C VAL A 122 -3.74 -16.56 0.33
N MET A 123 -3.05 -15.78 -0.51
CA MET A 123 -3.63 -14.63 -1.19
C MET A 123 -3.58 -14.85 -2.70
N GLU A 124 -4.38 -14.09 -3.44
CA GLU A 124 -4.25 -14.10 -4.90
C GLU A 124 -2.82 -13.78 -5.31
N TYR A 125 -2.33 -14.46 -6.34
CA TYR A 125 -1.00 -14.17 -6.87
C TYR A 125 -1.07 -12.99 -7.83
N VAL A 126 -0.24 -11.98 -7.59
CA VAL A 126 -0.20 -10.76 -8.40
C VAL A 126 1.09 -10.83 -9.22
N PRO A 127 1.02 -11.18 -10.50
CA PRO A 127 2.24 -11.63 -11.20
C PRO A 127 3.14 -10.51 -11.72
N GLY A 128 2.69 -9.25 -11.70
CA GLY A 128 3.53 -8.20 -12.29
C GLY A 128 4.66 -7.69 -11.43
N GLY A 129 4.76 -8.12 -10.17
CA GLY A 129 5.86 -7.66 -9.32
C GLY A 129 5.60 -6.29 -8.70
N GLU A 130 6.63 -5.78 -8.00
CA GLU A 130 6.51 -4.51 -7.29
C GLU A 130 6.65 -3.33 -8.24
N MET A 131 5.86 -2.28 -7.99
CA MET A 131 6.06 -1.01 -8.68
C MET A 131 7.51 -0.54 -8.58
N PHE A 132 8.13 -0.76 -7.41
CA PHE A 132 9.52 -0.38 -7.17
C PHE A 132 10.47 -0.81 -8.30
N SER A 133 10.41 -2.09 -8.68
N SER A 133 10.40 -2.08 -8.70
CA SER A 133 11.29 -2.60 -9.73
CA SER A 133 11.34 -2.55 -9.73
C SER A 133 11.06 -1.87 -11.05
C SER A 133 11.07 -1.89 -11.08
N HIS A 134 9.80 -1.71 -11.44
CA HIS A 134 9.50 -1.06 -12.71
C HIS A 134 9.92 0.40 -12.71
N LEU A 135 9.75 1.08 -11.58
CA LEU A 135 10.14 2.48 -11.49
C LEU A 135 11.67 2.63 -11.59
N ARG A 136 12.41 1.80 -10.87
CA ARG A 136 13.87 1.90 -10.98
C ARG A 136 14.35 1.54 -12.38
N ARG A 137 13.71 0.58 -13.04
N ARG A 137 13.67 0.62 -13.04
CA ARG A 137 14.15 0.19 -14.37
CA ARG A 137 14.08 0.14 -14.37
C ARG A 137 13.85 1.30 -15.39
C ARG A 137 13.79 1.15 -15.46
N ILE A 138 12.60 1.77 -15.43
CA ILE A 138 12.22 2.78 -16.42
C ILE A 138 12.87 4.12 -16.10
N GLY A 139 13.12 4.39 -14.81
CA GLY A 139 13.69 5.64 -14.36
C GLY A 139 12.68 6.49 -13.63
N ARG A 140 11.72 7.01 -14.39
CA ARG A 140 10.59 7.77 -13.84
C ARG A 140 9.38 7.51 -14.73
N PHE A 141 8.18 7.75 -14.17
CA PHE A 141 6.94 7.64 -14.93
C PHE A 141 6.50 9.03 -15.45
N SEP A 142 5.99 9.11 -16.68
CA SEP A 142 5.45 10.36 -17.19
CB SEP A 142 4.99 10.20 -18.65
OG SEP A 142 3.82 9.41 -18.68
C SEP A 142 4.25 10.77 -16.33
O SEP A 142 3.69 9.94 -15.62
P SEP A 142 3.46 8.86 -20.17
O1P SEP A 142 1.96 8.28 -20.11
O2P SEP A 142 4.48 7.67 -20.57
O3P SEP A 142 3.53 10.05 -21.25
N GLU A 143 3.86 12.06 -16.37
CA GLU A 143 2.78 12.49 -15.47
C GLU A 143 1.45 11.74 -15.69
N PRO A 144 1.04 11.43 -16.93
CA PRO A 144 -0.18 10.61 -17.07
C PRO A 144 -0.06 9.22 -16.48
N HIS A 145 1.12 8.61 -16.60
CA HIS A 145 1.38 7.27 -16.04
C HIS A 145 1.33 7.31 -14.52
N ALA A 146 2.00 8.30 -13.92
CA ALA A 146 1.96 8.48 -12.48
C ALA A 146 0.55 8.76 -11.99
N ARG A 147 -0.21 9.54 -12.75
CA ARG A 147 -1.56 9.92 -12.33
C ARG A 147 -2.50 8.72 -12.31
N PHE A 148 -2.35 7.81 -13.27
CA PHE A 148 -3.14 6.58 -13.31
C PHE A 148 -2.97 5.80 -12.01
N TYR A 149 -1.72 5.62 -11.55
CA TYR A 149 -1.50 4.94 -10.27
C TYR A 149 -1.99 5.77 -9.08
N ALA A 150 -1.69 7.08 -9.07
CA ALA A 150 -2.08 7.92 -7.95
C ALA A 150 -3.60 7.88 -7.75
N ALA A 151 -4.37 7.87 -8.83
CA ALA A 151 -5.82 7.86 -8.70
C ALA A 151 -6.30 6.62 -7.96
N GLN A 152 -5.64 5.48 -8.19
CA GLN A 152 -6.02 4.25 -7.51
C GLN A 152 -5.71 4.33 -6.02
N ILE A 153 -4.61 4.99 -5.65
CA ILE A 153 -4.30 5.15 -4.22
C ILE A 153 -5.29 6.10 -3.56
N VAL A 154 -5.66 7.20 -4.24
CA VAL A 154 -6.65 8.12 -3.68
C VAL A 154 -7.95 7.37 -3.37
N LEU A 155 -8.45 6.56 -4.31
CA LEU A 155 -9.69 5.83 -4.07
C LEU A 155 -9.53 4.80 -2.94
N THR A 156 -8.38 4.11 -2.92
CA THR A 156 -8.14 3.09 -1.89
C THR A 156 -8.07 3.71 -0.49
N PHE A 157 -7.39 4.87 -0.35
CA PHE A 157 -7.36 5.55 0.95
C PHE A 157 -8.73 6.13 1.32
N GLU A 158 -9.49 6.63 0.33
CA GLU A 158 -10.86 7.09 0.64
C GLU A 158 -11.69 5.95 1.25
N TYR A 159 -11.54 4.74 0.70
CA TYR A 159 -12.21 3.56 1.22
C TYR A 159 -11.71 3.20 2.62
N LEU A 160 -10.39 3.02 2.76
CA LEU A 160 -9.85 2.60 4.07
C LEU A 160 -10.18 3.62 5.17
N HIS A 161 -10.02 4.92 4.88
CA HIS A 161 -10.30 5.94 5.89
C HIS A 161 -11.78 5.96 6.29
N SER A 162 -12.69 5.66 5.36
CA SER A 162 -14.10 5.56 5.72
C SER A 162 -14.36 4.44 6.73
N LEU A 163 -13.50 3.41 6.76
CA LEU A 163 -13.56 2.34 7.75
C LEU A 163 -12.78 2.66 9.03
N ASP A 164 -12.26 3.88 9.14
CA ASP A 164 -11.38 4.31 10.24
C ASP A 164 -10.07 3.54 10.28
N LEU A 165 -9.60 3.05 9.13
CA LEU A 165 -8.27 2.43 9.03
C LEU A 165 -7.23 3.41 8.47
N ILE A 166 -6.10 3.58 9.19
CA ILE A 166 -4.94 4.31 8.67
C ILE A 166 -3.93 3.28 8.18
N TYR A 167 -3.31 3.53 7.02
CA TYR A 167 -2.47 2.52 6.38
C TYR A 167 -1.01 2.54 6.87
N ARG A 168 -0.35 3.70 6.79
CA ARG A 168 0.93 4.04 7.43
C ARG A 168 2.19 3.44 6.79
N ASP A 169 2.11 2.68 5.70
CA ASP A 169 3.37 2.21 5.08
C ASP A 169 3.28 2.24 3.56
N LEU A 170 2.74 3.32 3.00
CA LEU A 170 2.76 3.49 1.54
C LEU A 170 4.19 3.69 1.03
N LYS A 171 4.54 2.98 -0.03
CA LYS A 171 5.79 3.14 -0.78
C LYS A 171 5.72 2.22 -2.01
N PRO A 172 6.55 2.47 -3.03
CA PRO A 172 6.49 1.63 -4.23
C PRO A 172 6.78 0.15 -3.96
N GLU A 173 7.60 -0.15 -2.94
CA GLU A 173 7.88 -1.53 -2.56
C GLU A 173 6.65 -2.28 -2.08
N ASN A 174 5.60 -1.59 -1.64
CA ASN A 174 4.40 -2.22 -1.14
C ASN A 174 3.25 -2.22 -2.14
N LEU A 175 3.50 -1.86 -3.39
CA LEU A 175 2.46 -1.78 -4.42
C LEU A 175 2.79 -2.76 -5.54
N LEU A 176 1.93 -3.75 -5.76
CA LEU A 176 2.14 -4.72 -6.82
C LEU A 176 1.32 -4.34 -8.06
N ILE A 177 1.78 -4.79 -9.23
CA ILE A 177 1.08 -4.54 -10.49
C ILE A 177 0.46 -5.85 -10.98
N ASP A 178 -0.84 -5.82 -11.29
CA ASP A 178 -1.49 -7.07 -11.71
C ASP A 178 -1.45 -7.22 -13.24
N GLN A 179 -2.11 -8.28 -13.73
CA GLN A 179 -2.00 -8.65 -15.14
C GLN A 179 -2.64 -7.61 -16.06
N GLN A 180 -3.57 -6.81 -15.56
CA GLN A 180 -4.16 -5.73 -16.34
C GLN A 180 -3.48 -4.39 -16.10
N GLY A 181 -2.38 -4.37 -15.35
CA GLY A 181 -1.65 -3.13 -15.10
C GLY A 181 -2.17 -2.27 -13.97
N TYR A 182 -3.13 -2.76 -13.17
CA TYR A 182 -3.66 -2.04 -12.03
C TYR A 182 -2.91 -2.43 -10.74
N ILE A 183 -3.10 -1.61 -9.70
CA ILE A 183 -2.37 -1.74 -8.43
C ILE A 183 -3.07 -2.70 -7.47
N GLN A 184 -2.28 -3.46 -6.71
CA GLN A 184 -2.75 -4.26 -5.58
C GLN A 184 -1.94 -3.90 -4.35
N VAL A 185 -2.63 -3.54 -3.26
CA VAL A 185 -1.99 -3.33 -1.95
C VAL A 185 -2.06 -4.63 -1.16
N THR A 186 -0.92 -5.12 -0.63
CA THR A 186 -0.90 -6.46 -0.04
C THR A 186 -0.61 -6.53 1.45
N ASP A 187 0.22 -5.64 1.99
CA ASP A 187 0.70 -5.74 3.36
C ASP A 187 -0.06 -4.77 4.25
N PHE A 188 -0.48 -5.24 5.43
CA PHE A 188 -1.22 -4.40 6.36
C PHE A 188 -0.65 -4.52 7.76
N GLY A 189 0.66 -4.76 7.87
CA GLY A 189 1.26 -4.99 9.18
C GLY A 189 1.23 -3.80 10.10
N PHE A 190 1.24 -2.58 9.55
CA PHE A 190 1.26 -1.38 10.39
C PHE A 190 -0.07 -0.63 10.37
N ALA A 191 -1.10 -1.16 9.70
CA ALA A 191 -2.40 -0.49 9.65
C ALA A 191 -3.07 -0.56 11.01
N LYS A 192 -3.93 0.42 11.30
CA LYS A 192 -4.59 0.45 12.60
C LYS A 192 -5.96 1.10 12.47
N ARG A 193 -6.94 0.58 13.22
CA ARG A 193 -8.24 1.23 13.36
C ARG A 193 -8.11 2.46 14.27
N VAL A 194 -8.31 3.64 13.71
CA VAL A 194 -8.08 4.88 14.44
C VAL A 194 -9.15 5.91 14.06
N LYS A 195 -10.15 6.10 14.92
CA LYS A 195 -11.12 7.15 14.64
C LYS A 195 -10.59 8.52 15.06
N GLY A 196 -9.81 8.58 16.15
CA GLY A 196 -9.25 9.83 16.63
C GLY A 196 -7.77 9.96 16.34
N ARG A 197 -6.92 9.86 17.37
CA ARG A 197 -5.48 9.96 17.19
C ARG A 197 -4.79 8.67 17.62
N THR A 198 -3.52 8.55 17.19
CA THR A 198 -2.67 7.45 17.64
C THR A 198 -1.24 7.98 17.72
N TRP A 199 -0.35 7.21 18.35
CA TRP A 199 0.98 7.72 18.71
C TRP A 199 2.22 6.89 18.31
N TPO A 200 2.04 5.70 17.73
CA TPO A 200 3.20 4.83 17.45
CB TPO A 200 2.74 3.41 17.04
CG2 TPO A 200 3.97 2.50 16.92
OG1 TPO A 200 1.90 2.84 18.05
P TPO A 200 0.40 2.64 17.46
O1P TPO A 200 -0.47 2.37 18.77
O2P TPO A 200 0.38 1.46 16.54
O3P TPO A 200 -0.11 3.95 16.70
C TPO A 200 4.18 5.39 16.40
O TPO A 200 3.77 5.83 15.33
N LEU A 201 5.48 5.34 16.73
CA LEU A 201 6.52 5.62 15.74
C LEU A 201 6.67 4.42 14.80
N CYS A 202 6.17 4.54 13.57
CA CYS A 202 6.25 3.46 12.60
C CYS A 202 6.16 4.03 11.19
N GLY A 203 6.64 3.24 10.22
CA GLY A 203 6.69 3.63 8.82
C GLY A 203 8.09 3.45 8.26
N THR A 204 8.33 4.06 7.09
CA THR A 204 9.64 4.01 6.41
C THR A 204 10.21 5.42 6.31
N PRO A 205 11.51 5.63 6.57
CA PRO A 205 12.01 7.01 6.78
C PRO A 205 11.61 8.02 5.72
N GLU A 206 11.80 7.70 4.43
CA GLU A 206 11.51 8.64 3.36
C GLU A 206 10.04 9.06 3.30
N TYR A 207 9.14 8.24 3.86
CA TYR A 207 7.70 8.46 3.72
C TYR A 207 7.06 8.93 5.03
N LEU A 208 7.84 9.18 6.09
CA LEU A 208 7.28 9.59 7.37
C LEU A 208 6.80 11.04 7.33
N ALA A 209 5.57 11.26 7.81
CA ALA A 209 5.05 12.62 7.96
C ALA A 209 5.78 13.37 9.08
N PRO A 210 5.87 14.69 9.00
CA PRO A 210 6.58 15.44 10.07
C PRO A 210 6.04 15.19 11.46
N GLU A 211 4.71 15.10 11.61
CA GLU A 211 4.15 14.93 12.94
C GLU A 211 4.49 13.58 13.57
N ILE A 212 4.79 12.55 12.75
CA ILE A 212 5.32 11.31 13.33
C ILE A 212 6.74 11.54 13.82
N ILE A 213 7.59 12.16 13.00
CA ILE A 213 8.98 12.44 13.38
C ILE A 213 9.05 13.25 14.67
N LEU A 214 8.13 14.21 14.84
CA LEU A 214 8.16 15.10 15.99
C LEU A 214 7.44 14.52 17.19
N SER A 215 7.07 13.23 17.14
CA SER A 215 6.51 12.50 18.30
C SER A 215 5.19 13.10 18.77
N LYS A 216 4.33 13.50 17.83
CA LYS A 216 3.02 14.02 18.17
C LYS A 216 1.97 12.92 18.09
N GLY A 217 0.83 13.14 18.73
CA GLY A 217 -0.37 12.39 18.36
C GLY A 217 -0.78 12.78 16.95
N TYR A 218 -1.13 11.78 16.12
CA TYR A 218 -1.42 12.04 14.72
C TYR A 218 -2.66 11.28 14.25
N ASN A 219 -3.10 11.56 13.02
CA ASN A 219 -4.34 10.97 12.50
C ASN A 219 -4.15 10.55 11.04
N LYS A 220 -5.27 10.27 10.35
CA LYS A 220 -5.23 9.77 8.98
C LYS A 220 -4.52 10.70 7.99
N ALA A 221 -4.28 11.96 8.36
CA ALA A 221 -3.58 12.87 7.45
C ALA A 221 -2.15 12.40 7.14
N VAL A 222 -1.58 11.50 7.94
CA VAL A 222 -0.23 11.03 7.59
C VAL A 222 -0.25 10.24 6.28
N ASP A 223 -1.38 9.59 5.95
CA ASP A 223 -1.50 8.85 4.69
C ASP A 223 -1.54 9.81 3.49
N TRP A 224 -2.12 11.00 3.66
CA TRP A 224 -2.13 11.94 2.54
C TRP A 224 -0.77 12.61 2.35
N TRP A 225 -0.01 12.84 3.43
CA TRP A 225 1.40 13.21 3.28
C TRP A 225 2.15 12.15 2.48
N ALA A 226 2.00 10.88 2.87
CA ALA A 226 2.72 9.81 2.17
C ALA A 226 2.29 9.71 0.70
N LEU A 227 1.03 10.05 0.38
CA LEU A 227 0.64 10.11 -1.03
C LEU A 227 1.45 11.16 -1.79
N GLY A 228 1.69 12.32 -1.18
CA GLY A 228 2.56 13.32 -1.80
C GLY A 228 3.96 12.80 -2.09
N VAL A 229 4.54 12.07 -1.13
CA VAL A 229 5.85 11.48 -1.33
C VAL A 229 5.82 10.50 -2.52
N LEU A 230 4.79 9.65 -2.56
CA LEU A 230 4.70 8.63 -3.62
C LEU A 230 4.55 9.28 -4.99
N ILE A 231 3.68 10.29 -5.10
CA ILE A 231 3.49 10.94 -6.40
C ILE A 231 4.80 11.59 -6.86
N TYR A 232 5.50 12.25 -5.94
CA TYR A 232 6.78 12.86 -6.27
C TYR A 232 7.77 11.81 -6.77
N GLU A 233 7.94 10.70 -6.03
CA GLU A 233 8.92 9.69 -6.44
C GLU A 233 8.56 9.06 -7.78
N MET A 234 7.25 8.82 -8.03
CA MET A 234 6.84 8.26 -9.31
C MET A 234 7.22 9.18 -10.47
N ALA A 235 7.03 10.49 -10.29
CA ALA A 235 7.20 11.44 -11.38
C ALA A 235 8.64 11.92 -11.54
N ALA A 236 9.44 11.89 -10.46
CA ALA A 236 10.83 12.30 -10.53
C ALA A 236 11.80 11.14 -10.70
N GLY A 237 11.44 9.95 -10.23
CA GLY A 237 12.38 8.84 -10.14
C GLY A 237 13.15 8.74 -8.83
N TYR A 238 13.01 9.73 -7.94
CA TYR A 238 13.61 9.73 -6.61
C TYR A 238 12.68 10.46 -5.67
N PRO A 239 12.74 10.19 -4.37
CA PRO A 239 11.80 10.82 -3.42
C PRO A 239 12.20 12.25 -3.10
N PRO A 240 11.30 13.03 -2.49
CA PRO A 240 11.62 14.46 -2.23
C PRO A 240 12.63 14.65 -1.11
N PHE A 241 12.79 13.71 -0.19
CA PHE A 241 13.70 13.87 0.95
C PHE A 241 14.58 12.64 1.07
N PHE A 242 15.88 12.80 0.84
CA PHE A 242 16.81 11.68 0.97
C PHE A 242 18.15 12.18 1.49
N ALA A 243 18.93 11.25 2.05
CA ALA A 243 20.23 11.51 2.65
C ALA A 243 20.87 10.17 3.02
N ASP A 244 22.15 10.23 3.42
CA ASP A 244 22.88 9.04 3.84
C ASP A 244 22.23 8.36 5.03
N GLN A 245 21.83 9.14 6.02
CA GLN A 245 21.31 8.59 7.26
C GLN A 245 19.91 9.09 7.53
N PRO A 246 19.05 8.26 8.12
CA PRO A 246 17.69 8.70 8.42
C PRO A 246 17.59 10.01 9.19
N ILE A 247 18.51 10.29 10.11
CA ILE A 247 18.39 11.52 10.91
C ILE A 247 18.44 12.75 10.01
N GLN A 248 19.25 12.71 8.94
CA GLN A 248 19.30 13.85 8.01
C GLN A 248 18.07 13.91 7.11
N ILE A 249 17.49 12.76 6.76
CA ILE A 249 16.21 12.76 6.05
C ILE A 249 15.15 13.47 6.87
N TYR A 250 15.09 13.16 8.18
CA TYR A 250 14.08 13.75 9.04
C TYR A 250 14.25 15.27 9.16
N GLU A 251 15.50 15.77 9.21
CA GLU A 251 15.73 17.21 9.23
C GLU A 251 15.11 17.87 8.01
N LYS A 252 15.23 17.23 6.84
CA LYS A 252 14.65 17.78 5.62
C LYS A 252 13.13 17.74 5.66
N ILE A 253 12.55 16.62 6.11
CA ILE A 253 11.09 16.50 6.16
C ILE A 253 10.47 17.62 6.99
N VAL A 254 10.99 17.85 8.20
CA VAL A 254 10.33 18.83 9.07
C VAL A 254 10.59 20.27 8.68
N SER A 255 11.52 20.52 7.74
CA SER A 255 11.95 21.88 7.40
C SER A 255 10.88 22.72 6.69
N GLY A 256 9.89 22.09 6.06
CA GLY A 256 8.93 22.85 5.30
C GLY A 256 9.38 23.28 3.91
N LYS A 257 10.56 22.84 3.48
CA LYS A 257 11.09 23.15 2.15
C LYS A 257 11.11 21.89 1.29
N VAL A 258 10.71 22.04 0.02
CA VAL A 258 10.81 20.96 -0.96
C VAL A 258 11.19 21.58 -2.30
N ARG A 259 12.07 20.89 -3.04
CA ARG A 259 12.51 21.31 -4.37
C ARG A 259 12.01 20.32 -5.42
N PHE A 260 11.74 20.83 -6.63
CA PHE A 260 11.12 20.05 -7.71
C PHE A 260 11.98 20.04 -8.97
N PRO A 261 11.98 18.93 -9.72
CA PRO A 261 12.63 18.92 -11.03
C PRO A 261 12.00 19.93 -11.97
N SER A 262 12.81 20.45 -12.91
CA SER A 262 12.27 21.45 -13.82
C SER A 262 11.23 20.88 -14.77
N HIS A 263 11.17 19.55 -14.95
CA HIS A 263 10.17 18.99 -15.85
C HIS A 263 8.80 18.80 -15.20
N PHE A 264 8.67 19.03 -13.89
CA PHE A 264 7.35 18.94 -13.25
C PHE A 264 6.44 20.06 -13.75
N SER A 265 5.19 19.72 -14.07
CA SER A 265 4.21 20.74 -14.46
C SER A 265 3.85 21.62 -13.25
N SER A 266 3.36 22.83 -13.56
CA SER A 266 2.91 23.70 -12.47
C SER A 266 1.74 23.09 -11.71
N ASP A 267 0.83 22.40 -12.41
CA ASP A 267 -0.28 21.74 -11.73
C ASP A 267 0.23 20.70 -10.74
N LEU A 268 1.22 19.90 -11.14
CA LEU A 268 1.78 18.87 -10.26
C LEU A 268 2.42 19.50 -9.03
N LYS A 269 3.23 20.56 -9.24
CA LYS A 269 3.88 21.22 -8.10
C LYS A 269 2.84 21.77 -7.12
N ASP A 270 1.72 22.32 -7.63
CA ASP A 270 0.73 22.87 -6.72
C ASP A 270 0.08 21.78 -5.88
N LEU A 271 -0.26 20.64 -6.50
CA LEU A 271 -0.80 19.52 -5.74
C LEU A 271 0.18 19.06 -4.68
N LEU A 272 1.45 18.92 -5.05
CA LEU A 272 2.44 18.39 -4.10
C LEU A 272 2.69 19.37 -2.94
N ARG A 273 2.68 20.68 -3.20
CA ARG A 273 2.86 21.63 -2.10
C ARG A 273 1.71 21.56 -1.10
N ASN A 274 0.52 21.18 -1.56
CA ASN A 274 -0.62 21.05 -0.66
C ASN A 274 -0.70 19.68 0.03
N LEU A 275 -0.05 18.62 -0.52
CA LEU A 275 0.04 17.35 0.18
C LEU A 275 1.23 17.27 1.13
N LEU A 276 2.39 17.78 0.69
CA LEU A 276 3.61 17.85 1.50
C LEU A 276 3.63 19.12 2.35
N GLN A 277 2.51 19.39 3.00
CA GLN A 277 2.28 20.57 3.81
C GLN A 277 2.54 20.23 5.28
N VAL A 278 3.54 20.87 5.88
CA VAL A 278 3.85 20.57 7.28
C VAL A 278 2.73 21.02 8.23
N ASP A 279 2.05 22.12 7.88
CA ASP A 279 0.98 22.68 8.72
C ASP A 279 -0.29 21.86 8.52
N LEU A 280 -0.70 21.13 9.55
CA LEU A 280 -1.90 20.29 9.44
C LEU A 280 -3.17 21.09 9.18
N THR A 281 -3.23 22.37 9.56
CA THR A 281 -4.44 23.11 9.27
C THR A 281 -4.55 23.51 7.79
N LYS A 282 -3.55 23.18 6.99
CA LYS A 282 -3.54 23.53 5.58
C LYS A 282 -3.38 22.31 4.66
N ARG A 283 -3.20 21.10 5.20
CA ARG A 283 -2.86 19.96 4.35
C ARG A 283 -4.10 19.37 3.67
N PHE A 284 -4.01 19.20 2.34
CA PHE A 284 -5.07 18.57 1.59
C PHE A 284 -5.33 17.17 2.11
N GLY A 285 -6.63 16.81 2.17
CA GLY A 285 -7.07 15.59 2.79
C GLY A 285 -7.42 15.75 4.26
N ASN A 286 -7.03 16.85 4.87
CA ASN A 286 -7.27 17.10 6.29
C ASN A 286 -8.19 18.31 6.53
N LEU A 287 -8.79 18.86 5.48
CA LEU A 287 -9.60 20.07 5.62
C LEU A 287 -11.09 19.75 5.61
N LYS A 288 -11.91 20.80 5.68
CA LYS A 288 -13.36 20.63 5.76
C LYS A 288 -13.90 19.87 4.55
N ASN A 289 -13.31 20.09 3.38
N ASN A 289 -13.32 20.09 3.38
CA ASN A 289 -13.72 19.44 2.13
CA ASN A 289 -13.77 19.41 2.17
C ASN A 289 -13.22 18.00 2.02
C ASN A 289 -13.16 18.02 1.99
N GLY A 290 -12.41 17.53 2.97
CA GLY A 290 -11.94 16.15 2.94
C GLY A 290 -11.20 15.74 1.68
N VAL A 291 -11.52 14.55 1.17
CA VAL A 291 -10.82 14.01 0.01
C VAL A 291 -11.17 14.80 -1.26
N ASN A 292 -12.24 15.58 -1.23
CA ASN A 292 -12.64 16.30 -2.44
C ASN A 292 -11.62 17.36 -2.84
N ASP A 293 -10.88 17.94 -1.90
CA ASP A 293 -9.81 18.87 -2.27
C ASP A 293 -8.79 18.21 -3.18
N ILE A 294 -8.54 16.91 -2.97
CA ILE A 294 -7.60 16.19 -3.82
C ILE A 294 -8.24 15.81 -5.15
N LYS A 295 -9.43 15.19 -5.10
CA LYS A 295 -10.04 14.67 -6.33
C LYS A 295 -10.42 15.79 -7.29
N ASN A 296 -10.69 17.00 -6.78
CA ASN A 296 -11.08 18.11 -7.65
C ASN A 296 -9.92 19.02 -8.04
N HIS A 297 -8.68 18.70 -7.64
CA HIS A 297 -7.54 19.52 -8.03
C HIS A 297 -7.29 19.44 -9.54
N LYS A 298 -6.72 20.52 -10.10
CA LYS A 298 -6.49 20.60 -11.55
C LYS A 298 -5.64 19.45 -12.10
N TRP A 299 -4.69 18.93 -11.32
CA TRP A 299 -3.85 17.86 -11.86
C TRP A 299 -4.64 16.61 -12.16
N PHE A 300 -5.79 16.42 -11.52
CA PHE A 300 -6.67 15.27 -11.73
C PHE A 300 -7.87 15.62 -12.62
N ALA A 301 -7.84 16.75 -13.33
CA ALA A 301 -9.00 17.18 -14.10
C ALA A 301 -9.42 16.17 -15.18
N THR A 302 -8.46 15.42 -15.73
CA THR A 302 -8.76 14.42 -16.77
C THR A 302 -9.11 13.05 -16.20
N THR A 303 -9.11 12.89 -14.88
CA THR A 303 -9.36 11.58 -14.26
C THR A 303 -10.86 11.30 -14.18
N ASP A 304 -11.29 10.18 -14.77
CA ASP A 304 -12.65 9.66 -14.62
C ASP A 304 -12.63 8.65 -13.47
N TRP A 305 -13.02 9.11 -12.28
CA TRP A 305 -12.85 8.31 -11.07
C TRP A 305 -13.66 7.01 -11.13
N ILE A 306 -14.90 7.07 -11.65
CA ILE A 306 -15.71 5.85 -11.72
C ILE A 306 -15.08 4.85 -12.69
N ALA A 307 -14.53 5.34 -13.81
CA ALA A 307 -13.91 4.44 -14.78
C ALA A 307 -12.68 3.76 -14.20
N ILE A 308 -11.90 4.49 -13.38
CA ILE A 308 -10.76 3.87 -12.67
C ILE A 308 -11.24 2.77 -11.74
N TYR A 309 -12.26 3.09 -10.92
CA TYR A 309 -12.82 2.10 -10.00
C TYR A 309 -13.33 0.86 -10.73
N GLN A 310 -13.97 1.05 -11.89
CA GLN A 310 -14.50 -0.07 -12.66
C GLN A 310 -13.44 -0.80 -13.48
N ARG A 311 -12.21 -0.30 -13.45
CA ARG A 311 -11.08 -0.90 -14.18
C ARG A 311 -11.33 -0.87 -15.70
N LYS A 312 -11.96 0.21 -16.16
CA LYS A 312 -12.25 0.34 -17.59
C LYS A 312 -11.28 1.28 -18.31
N VAL A 313 -10.30 1.84 -17.62
CA VAL A 313 -9.29 2.68 -18.25
C VAL A 313 -8.15 1.79 -18.76
N GLU A 314 -7.66 2.05 -19.98
CA GLU A 314 -6.53 1.28 -20.49
C GLU A 314 -5.27 1.66 -19.73
N ALA A 315 -4.57 0.67 -19.19
CA ALA A 315 -3.40 0.97 -18.38
C ALA A 315 -2.24 1.42 -19.28
N PRO A 316 -1.39 2.33 -18.80
CA PRO A 316 -0.25 2.77 -19.62
C PRO A 316 0.80 1.69 -19.80
N PHE A 317 0.78 0.64 -18.98
CA PHE A 317 1.84 -0.35 -18.94
C PHE A 317 1.27 -1.70 -18.52
N ILE A 318 1.56 -2.75 -19.28
CA ILE A 318 1.15 -4.10 -18.97
C ILE A 318 2.41 -4.93 -18.75
N PRO A 319 2.62 -5.52 -17.57
CA PRO A 319 3.85 -6.28 -17.34
C PRO A 319 3.92 -7.51 -18.23
N LYS A 320 5.15 -7.92 -18.55
CA LYS A 320 5.37 -9.14 -19.29
C LYS A 320 4.82 -10.33 -18.50
N PHE A 321 4.00 -11.15 -19.17
CA PHE A 321 3.42 -12.32 -18.53
C PHE A 321 3.36 -13.44 -19.56
N LYS A 322 4.24 -14.44 -19.40
CA LYS A 322 4.30 -15.55 -20.35
C LYS A 322 3.27 -16.62 -20.07
N GLY A 323 2.63 -16.61 -18.89
CA GLY A 323 1.62 -17.58 -18.57
C GLY A 323 1.38 -17.69 -17.08
N PRO A 324 0.50 -18.61 -16.68
CA PRO A 324 0.25 -18.81 -15.24
C PRO A 324 1.53 -19.28 -14.54
N GLY A 325 1.73 -18.77 -13.33
CA GLY A 325 2.93 -19.13 -12.60
C GLY A 325 4.20 -18.50 -13.09
N ASP A 326 4.13 -17.59 -14.06
CA ASP A 326 5.30 -16.80 -14.44
C ASP A 326 5.78 -16.00 -13.24
N THR A 327 7.09 -16.09 -12.95
CA THR A 327 7.68 -15.36 -11.82
C THR A 327 8.79 -14.43 -12.27
N SER A 328 8.87 -14.09 -13.56
CA SER A 328 10.02 -13.34 -14.05
C SER A 328 10.07 -11.90 -13.50
N ASN A 329 8.97 -11.40 -12.96
CA ASN A 329 8.93 -10.03 -12.44
C ASN A 329 9.35 -9.95 -10.98
N PHE A 330 9.80 -11.05 -10.38
CA PHE A 330 10.19 -11.08 -8.99
C PHE A 330 11.66 -11.45 -8.83
N ASP A 331 12.27 -10.96 -7.75
CA ASP A 331 13.66 -11.28 -7.44
C ASP A 331 13.82 -12.79 -7.20
N ASP A 332 15.06 -13.25 -7.26
CA ASP A 332 15.40 -14.63 -6.98
C ASP A 332 15.93 -14.74 -5.55
N TYR A 333 15.49 -15.78 -4.84
CA TYR A 333 15.94 -16.03 -3.48
C TYR A 333 16.35 -17.48 -3.33
N GLU A 334 17.17 -17.76 -2.33
CA GLU A 334 17.58 -19.13 -2.03
C GLU A 334 16.46 -19.86 -1.29
N GLU A 335 16.21 -21.10 -1.71
CA GLU A 335 15.07 -21.86 -1.21
C GLU A 335 15.47 -22.62 0.05
N GLU A 336 14.73 -22.39 1.14
CA GLU A 336 14.90 -23.12 2.39
C GLU A 336 13.66 -23.96 2.67
N GLU A 337 13.85 -25.06 3.38
CA GLU A 337 12.76 -26.01 3.61
C GLU A 337 11.80 -25.50 4.67
N ILE A 338 10.58 -26.03 4.64
CA ILE A 338 9.52 -25.68 5.58
C ILE A 338 9.42 -26.83 6.57
N ARG A 339 10.07 -26.68 7.73
CA ARG A 339 10.03 -27.70 8.77
C ARG A 339 8.84 -27.46 9.68
N VAL A 340 8.10 -28.53 9.99
CA VAL A 340 6.94 -28.47 10.88
C VAL A 340 7.19 -29.35 12.11
N SEP A 341 7.31 -28.72 13.28
CA SEP A 341 7.65 -29.43 14.52
CB SEP A 341 7.86 -28.44 15.67
OG SEP A 341 9.23 -28.31 16.00
C SEP A 341 6.61 -30.47 14.95
O SEP A 341 5.43 -30.36 14.61
P SEP A 341 9.68 -29.47 17.02
O1P SEP A 341 8.49 -29.82 18.04
O2P SEP A 341 10.08 -30.81 16.21
O3P SEP A 341 10.95 -28.94 17.86
N ILE A 342 7.06 -31.45 15.72
CA ILE A 342 6.16 -32.46 16.27
C ILE A 342 5.42 -31.90 17.48
N ASN A 343 5.87 -30.75 17.99
CA ASN A 343 5.28 -30.11 19.16
C ASN A 343 4.75 -28.73 18.80
N GLU A 344 3.50 -28.46 19.20
CA GLU A 344 2.90 -27.15 18.98
C GLU A 344 3.70 -26.07 19.67
N LYS A 345 3.98 -24.99 18.94
CA LYS A 345 4.67 -23.84 19.49
C LYS A 345 3.72 -22.67 19.56
N CYS A 346 3.73 -21.96 20.69
CA CYS A 346 3.06 -20.67 20.83
C CYS A 346 1.56 -20.76 20.58
N GLY A 347 0.94 -21.88 20.97
CA GLY A 347 -0.47 -22.07 20.70
C GLY A 347 -1.35 -21.01 21.34
N LYS A 348 -1.03 -20.62 22.58
CA LYS A 348 -1.87 -19.66 23.29
C LYS A 348 -1.81 -18.29 22.65
N GLU A 349 -0.63 -17.88 22.16
CA GLU A 349 -0.49 -16.54 21.62
C GLU A 349 -1.23 -16.34 20.30
N PHE A 350 -1.49 -17.43 19.56
CA PHE A 350 -2.11 -17.31 18.24
C PHE A 350 -3.46 -18.03 18.19
N THR A 351 -4.16 -18.10 19.33
CA THR A 351 -5.42 -18.83 19.39
C THR A 351 -6.45 -18.28 18.40
N GLU A 352 -6.50 -16.96 18.23
CA GLU A 352 -7.55 -16.37 17.38
C GLU A 352 -7.23 -16.47 15.88
N PHE A 353 -6.03 -16.90 15.52
CA PHE A 353 -5.65 -16.94 14.10
C PHE A 353 -6.37 -18.05 13.36
N THR B 1 24.08 16.86 -10.05
CA THR B 1 22.63 16.89 -10.21
C THR B 1 21.91 16.30 -9.00
N THR B 2 20.61 16.58 -8.89
CA THR B 2 19.84 15.96 -7.82
C THR B 2 19.82 14.45 -7.94
N TYR B 3 19.74 13.94 -9.19
CA TYR B 3 19.81 12.50 -9.39
C TYR B 3 21.14 11.95 -8.89
N ALA B 4 22.24 12.62 -9.19
CA ALA B 4 23.54 12.17 -8.69
C ALA B 4 23.59 12.15 -7.17
N ASP B 5 22.99 13.17 -6.53
CA ASP B 5 22.91 13.19 -5.06
C ASP B 5 22.10 12.01 -4.52
N PHE B 6 21.03 11.63 -5.23
CA PHE B 6 20.24 10.46 -4.84
C PHE B 6 21.10 9.19 -4.90
N ILE B 7 21.87 9.03 -5.98
CA ILE B 7 22.76 7.87 -6.07
C ILE B 7 23.76 7.88 -4.92
N ALA B 8 24.31 9.05 -4.59
CA ALA B 8 25.31 9.14 -3.54
C ALA B 8 24.75 8.79 -2.16
N SER B 9 23.44 8.94 -1.95
CA SER B 9 22.84 8.60 -0.66
C SER B 9 22.97 7.12 -0.29
N GLY B 10 23.16 6.25 -1.28
CA GLY B 10 23.14 4.82 -1.03
C GLY B 10 21.79 4.23 -0.67
N ARG B 11 20.71 4.99 -0.83
CA ARG B 11 19.38 4.48 -0.50
C ARG B 11 18.53 4.34 -1.76
N THR B 12 19.10 3.72 -2.81
CA THR B 12 18.38 3.46 -4.05
C THR B 12 17.72 2.08 -4.11
N GLY B 13 18.06 1.16 -3.19
CA GLY B 13 17.44 -0.16 -3.14
C GLY B 13 16.17 -0.18 -2.29
N ARG B 14 15.63 -1.39 -2.11
CA ARG B 14 14.39 -1.53 -1.34
C ARG B 14 14.61 -1.11 0.10
N ARG B 15 13.64 -0.37 0.64
CA ARG B 15 13.74 0.28 1.95
C ARG B 15 12.88 -0.48 2.96
N ASN B 16 13.47 -0.79 4.13
CA ASN B 16 12.72 -1.45 5.20
C ASN B 16 12.04 -0.40 6.09
N ALA B 17 10.95 -0.83 6.74
CA ALA B 17 10.34 -0.01 7.77
C ALA B 17 11.27 0.13 8.97
N ILE B 18 11.04 1.18 9.77
CA ILE B 18 11.85 1.40 10.97
C ILE B 18 11.41 0.47 12.08
O3 AO8 C . 5.68 -9.49 -3.12
S AO8 C . 5.40 -10.11 -1.87
O AO8 C . 6.15 -11.28 -1.46
C AO8 C . 3.67 -10.53 -1.82
C5 AO8 C . 2.99 -11.01 -2.98
C6 AO8 C . 3.60 -11.24 -4.24
C7 AO8 C . 2.83 -11.67 -5.29
N AO8 C . 1.51 -11.88 -5.22
C8 AO8 C . 0.92 -11.68 -4.05
C4 AO8 C . 1.60 -11.25 -2.88
C3 AO8 C . 0.96 -11.07 -1.63
C2 AO8 C . 1.66 -10.64 -0.54
C1 AO8 C . 3.01 -10.36 -0.64
N1 AO8 C . 5.61 -8.99 -0.72
C9 AO8 C . 4.96 -7.68 -0.85
C10 AO8 C . 5.87 -6.65 -1.47
N2 AO8 C . 7.15 -6.57 -0.77
C11 AO8 C . 7.05 -5.84 0.49
C12 AO8 C . 8.39 -5.40 1.04
C17 AO8 C . 8.59 -4.07 1.39
C16 AO8 C . 9.81 -3.65 1.89
C15 AO8 C . 10.84 -4.54 2.05
C14 AO8 C . 10.66 -5.87 1.71
C13 AO8 C . 9.43 -6.34 1.20
#